data_8TE8
#
_entry.id   8TE8
#
_cell.length_a   46.523
_cell.length_b   74.924
_cell.length_c   85.134
_cell.angle_alpha   90.00
_cell.angle_beta   98.33
_cell.angle_gamma   90.00
#
_symmetry.space_group_name_H-M   'P 1 21 1'
#
loop_
_entity.id
_entity.type
_entity.pdbx_description
1 polymer 'Pyridoxine 4-dehydrogenase'
2 water water
#
_entity_poly.entity_id   1
_entity_poly.type   'polypeptide(L)'
_entity_poly.pdbx_seq_one_letter_code
;MGSSHHHHHHSSGLVPRGSHMSSNTFTLGTKSVNRLGYGAMQLAGPGVFGPPRDRHVAITVLREALALGVNHIDTSDFYG
PHVTNQIIREALYPYSDDLTIVTKIGARRGEDASWLPAFSPAELQKAVHDNLRNLGLDVLDVVNLRVMMGDGHGPAEGSI
EASLTVLAEMQQQGLVKHIGLSNVTPTQVAEARKIAEIVCVQNEYNIAHRADDAMIDALAHDGIAYVPFFPLGGFTPLQS
STLSDVAASLGATPMQVALAWLLQRSPNILLIPGTSSVAHLRENMAAEKLHLSEEVLSTLDGISRE
;
_entity_poly.pdbx_strand_id   A,B
#
# COMPACT_ATOMS: atom_id res chain seq x y z
N ASN A 24 4.29 -7.83 19.04
CA ASN A 24 3.25 -6.83 18.83
C ASN A 24 2.82 -7.19 17.39
N THR A 25 2.27 -6.27 16.58
CA THR A 25 1.85 -6.68 15.22
C THR A 25 2.36 -5.89 13.99
N PHE A 26 2.13 -6.46 12.80
CA PHE A 26 2.54 -5.88 11.51
C PHE A 26 1.56 -6.29 10.40
N THR A 27 1.35 -5.42 9.41
CA THR A 27 0.42 -5.73 8.34
C THR A 27 1.12 -6.30 7.12
N LEU A 28 0.99 -7.61 6.96
CA LEU A 28 1.60 -8.32 5.85
C LEU A 28 0.62 -8.45 4.69
N GLY A 29 0.89 -7.78 3.58
CA GLY A 29 -0.09 -7.73 2.50
C GLY A 29 -1.23 -6.89 3.02
N THR A 30 -2.41 -7.48 3.10
CA THR A 30 -3.53 -6.84 3.78
C THR A 30 -3.99 -7.56 5.07
N LYS A 31 -3.15 -8.45 5.61
CA LYS A 31 -3.54 -9.14 6.86
C LYS A 31 -2.61 -8.78 8.01
N SER A 32 -3.20 -8.51 9.18
CA SER A 32 -2.40 -8.19 10.35
C SER A 32 -1.84 -9.49 10.93
N VAL A 33 -0.53 -9.53 11.18
CA VAL A 33 0.06 -10.72 11.80
C VAL A 33 0.75 -10.39 13.10
N ASN A 34 0.74 -11.37 13.99
CA ASN A 34 1.55 -11.34 15.21
C ASN A 34 3.00 -11.54 14.78
N ARG A 35 3.88 -10.66 15.23
CA ARG A 35 5.28 -10.74 14.80
C ARG A 35 5.98 -12.03 15.29
N LEU A 36 5.44 -12.69 16.31
CA LEU A 36 5.92 -14.04 16.65
C LEU A 36 5.04 -15.05 15.91
N GLY A 37 5.60 -15.60 14.84
CA GLY A 37 4.89 -16.56 14.00
C GLY A 37 5.49 -17.93 14.16
N TYR A 38 5.20 -18.82 13.23
CA TYR A 38 5.62 -20.21 13.34
C TYR A 38 6.15 -20.72 11.99
N GLY A 39 7.39 -21.22 12.00
CA GLY A 39 7.95 -21.84 10.81
C GLY A 39 7.70 -23.34 10.81
N ALA A 40 7.11 -23.85 9.73
CA ALA A 40 6.67 -25.26 9.71
C ALA A 40 7.76 -26.25 9.29
N MET A 41 8.98 -25.75 9.10
CA MET A 41 10.06 -26.53 8.50
C MET A 41 10.43 -27.80 9.26
N GLN A 42 10.25 -27.80 10.57
CA GLN A 42 10.57 -28.97 11.37
C GLN A 42 9.53 -30.10 11.25
N LEU A 43 8.36 -29.81 10.69
CA LEU A 43 7.29 -30.80 10.60
C LEU A 43 7.44 -31.64 9.35
N ALA A 44 8.51 -32.42 9.37
CA ALA A 44 9.00 -33.17 8.22
C ALA A 44 10.22 -33.97 8.69
N GLY A 45 10.53 -35.06 8.01
CA GLY A 45 11.70 -35.85 8.35
C GLY A 45 13.01 -35.09 8.28
N PRO A 46 14.11 -35.77 8.64
CA PRO A 46 15.41 -35.11 8.70
C PRO A 46 15.89 -34.63 7.33
N GLY A 47 16.48 -33.44 7.31
CA GLY A 47 16.84 -32.78 6.06
C GLY A 47 15.60 -32.13 5.48
N VAL A 48 14.57 -32.00 6.32
CA VAL A 48 13.22 -31.57 5.94
C VAL A 48 12.72 -32.47 4.83
N PHE A 49 12.91 -33.78 4.97
CA PHE A 49 12.60 -34.72 3.91
C PHE A 49 11.76 -35.89 4.41
N GLY A 50 10.70 -36.23 3.70
CA GLY A 50 9.80 -37.29 4.15
C GLY A 50 9.03 -36.92 5.41
N PRO A 51 8.25 -37.87 5.94
CA PRO A 51 7.37 -37.66 7.10
C PRO A 51 8.13 -37.23 8.35
N PRO A 52 7.47 -36.46 9.24
CA PRO A 52 8.10 -36.16 10.53
C PRO A 52 8.19 -37.42 11.38
N ARG A 53 9.07 -37.44 12.37
CA ARG A 53 9.11 -38.51 13.36
C ARG A 53 7.71 -38.94 13.82
N ASP A 54 6.93 -37.97 14.29
CA ASP A 54 5.63 -38.24 14.85
C ASP A 54 4.59 -37.22 14.34
N ARG A 55 3.76 -37.66 13.41
CA ARG A 55 2.74 -36.80 12.84
C ARG A 55 1.74 -36.29 13.89
N HIS A 56 1.47 -37.11 14.92
CA HIS A 56 0.60 -36.67 16.01
C HIS A 56 1.18 -35.43 16.68
N VAL A 57 2.48 -35.45 16.94
CA VAL A 57 3.12 -34.31 17.59
C VAL A 57 3.10 -33.10 16.67
N ALA A 58 3.35 -33.32 15.38
CA ALA A 58 3.23 -32.25 14.37
C ALA A 58 1.88 -31.54 14.46
N ILE A 59 0.80 -32.32 14.38
CA ILE A 59 -0.55 -31.80 14.50
C ILE A 59 -0.74 -31.03 15.81
N THR A 60 -0.30 -31.62 16.92
CA THR A 60 -0.44 -30.94 18.21
C THR A 60 0.28 -29.59 18.23
N VAL A 61 1.50 -29.55 17.68
CA VAL A 61 2.27 -28.32 17.68
C VAL A 61 1.55 -27.20 16.88
N LEU A 62 1.05 -27.52 15.70
CA LEU A 62 0.35 -26.52 14.91
C LEU A 62 -0.84 -25.94 15.67
N ARG A 63 -1.61 -26.82 16.32
CA ARG A 63 -2.80 -26.42 17.06
C ARG A 63 -2.47 -25.59 18.29
N GLU A 64 -1.45 -26.02 19.03
CA GLU A 64 -0.96 -25.23 20.16
C GLU A 64 -0.49 -23.85 19.69
N ALA A 65 0.16 -23.81 18.53
CA ALA A 65 0.65 -22.54 17.99
C ALA A 65 -0.48 -21.52 17.84
N LEU A 66 -1.54 -21.94 17.16
CA LEU A 66 -2.69 -21.06 16.98
C LEU A 66 -3.32 -20.71 18.33
N ALA A 67 -3.45 -21.72 19.20
CA ALA A 67 -3.98 -21.46 20.54
C ALA A 67 -3.11 -20.44 21.28
N LEU A 68 -1.79 -20.49 21.09
CA LEU A 68 -0.89 -19.54 21.72
C LEU A 68 -0.90 -18.16 21.07
N GLY A 69 -1.60 -18.01 19.96
CA GLY A 69 -1.76 -16.71 19.35
C GLY A 69 -1.02 -16.50 18.03
N VAL A 70 -0.41 -17.57 17.53
CA VAL A 70 0.21 -17.53 16.21
C VAL A 70 -0.87 -17.32 15.14
N ASN A 71 -0.64 -16.40 14.20
CA ASN A 71 -1.54 -16.26 13.05
C ASN A 71 -0.74 -16.05 11.77
N HIS A 72 0.56 -16.31 11.86
CA HIS A 72 1.43 -16.28 10.70
C HIS A 72 2.20 -17.60 10.67
N ILE A 73 1.94 -18.42 9.67
CA ILE A 73 2.66 -19.69 9.53
C ILE A 73 3.42 -19.70 8.23
N ASP A 74 4.72 -19.95 8.34
CA ASP A 74 5.57 -20.01 7.14
C ASP A 74 5.77 -21.45 6.67
N THR A 75 5.52 -21.71 5.39
CA THR A 75 5.68 -23.07 4.90
C THR A 75 6.18 -23.16 3.46
N SER A 76 6.15 -24.37 2.93
CA SER A 76 6.55 -24.60 1.56
C SER A 76 6.07 -25.96 1.12
N ASP A 77 5.75 -26.11 -0.15
CA ASP A 77 5.45 -27.45 -0.60
C ASP A 77 6.71 -28.26 -0.90
N PHE A 78 7.89 -27.64 -0.94
CA PHE A 78 9.08 -28.47 -1.05
C PHE A 78 9.69 -28.78 0.31
N TYR A 79 8.85 -28.76 1.35
CA TYR A 79 9.25 -29.27 2.66
C TYR A 79 8.88 -30.74 2.76
N GLY A 80 9.89 -31.61 2.71
CA GLY A 80 9.72 -33.06 2.74
C GLY A 80 8.72 -33.51 1.72
N PRO A 81 8.82 -32.94 0.50
CA PRO A 81 7.77 -32.36 -0.32
C PRO A 81 6.36 -32.75 0.07
N HIS A 82 5.44 -31.79 -0.07
CA HIS A 82 4.00 -32.02 0.10
C HIS A 82 3.55 -32.40 1.53
N VAL A 83 4.36 -33.11 2.30
CA VAL A 83 3.88 -33.64 3.57
C VAL A 83 3.59 -32.55 4.61
N THR A 84 4.45 -31.52 4.68
CA THR A 84 4.26 -30.50 5.70
C THR A 84 2.97 -29.73 5.47
N ASN A 85 2.72 -29.36 4.21
CA ASN A 85 1.45 -28.71 3.84
C ASN A 85 0.24 -29.56 4.22
N GLN A 86 0.29 -30.86 3.93
CA GLN A 86 -0.84 -31.73 4.21
C GLN A 86 -1.10 -31.89 5.70
N ILE A 87 -0.04 -31.81 6.50
CA ILE A 87 -0.16 -31.83 7.96
C ILE A 87 -0.80 -30.54 8.48
N ILE A 88 -0.41 -29.41 7.91
CA ILE A 88 -1.03 -28.14 8.27
C ILE A 88 -2.55 -28.22 7.98
N ARG A 89 -2.89 -28.79 6.83
CA ARG A 89 -4.27 -28.96 6.42
C ARG A 89 -5.04 -29.90 7.37
N GLU A 90 -4.49 -31.08 7.62
CA GLU A 90 -5.16 -32.02 8.53
C GLU A 90 -5.37 -31.37 9.90
N ALA A 91 -4.31 -30.75 10.41
CA ALA A 91 -4.34 -30.11 11.73
C ALA A 91 -5.26 -28.90 11.86
N LEU A 92 -5.30 -28.03 10.85
CA LEU A 92 -5.92 -26.71 11.02
C LEU A 92 -7.08 -26.37 10.07
N TYR A 93 -7.24 -27.11 8.97
CA TYR A 93 -8.34 -26.78 8.06
C TYR A 93 -9.67 -27.13 8.73
N PRO A 94 -10.68 -26.25 8.61
CA PRO A 94 -10.68 -24.97 7.87
C PRO A 94 -10.10 -23.81 8.69
N TYR A 95 -9.29 -22.99 8.03
CA TYR A 95 -8.50 -21.97 8.70
C TYR A 95 -9.36 -20.75 9.05
N SER A 96 -9.10 -20.15 10.21
CA SER A 96 -9.82 -18.93 10.59
C SER A 96 -9.40 -17.78 9.68
N ASP A 97 -10.19 -16.72 9.71
CA ASP A 97 -9.97 -15.53 8.90
C ASP A 97 -8.65 -14.89 9.30
N ASP A 98 -8.29 -15.11 10.56
CA ASP A 98 -7.11 -14.57 11.23
C ASP A 98 -5.78 -15.03 10.61
N LEU A 99 -5.75 -16.24 10.06
CA LEU A 99 -4.50 -16.92 9.70
C LEU A 99 -3.94 -16.49 8.35
N THR A 100 -2.66 -16.11 8.33
CA THR A 100 -1.93 -15.95 7.08
C THR A 100 -0.95 -17.11 6.91
N ILE A 101 -1.02 -17.79 5.78
CA ILE A 101 -0.07 -18.85 5.52
C ILE A 101 0.83 -18.35 4.41
N VAL A 102 2.12 -18.24 4.71
CA VAL A 102 3.09 -17.79 3.72
C VAL A 102 3.81 -19.00 3.16
N THR A 103 3.88 -19.11 1.85
CA THR A 103 4.60 -20.24 1.26
C THR A 103 5.69 -19.72 0.32
N LYS A 104 6.67 -20.56 0.02
CA LYS A 104 7.75 -20.12 -0.85
C LYS A 104 7.90 -21.08 -2.03
N ILE A 105 8.12 -20.52 -3.22
CA ILE A 105 8.34 -21.39 -4.36
C ILE A 105 9.67 -21.05 -4.96
N GLY A 106 10.16 -21.88 -5.88
CA GLY A 106 11.32 -21.51 -6.66
C GLY A 106 12.36 -22.58 -6.59
N ALA A 107 12.04 -23.62 -5.83
CA ALA A 107 12.93 -24.74 -5.62
C ALA A 107 12.12 -26.02 -5.60
N ARG A 108 12.79 -27.12 -5.91
CA ARG A 108 12.20 -28.45 -5.80
C ARG A 108 13.17 -29.39 -5.10
N ARG A 109 12.67 -30.56 -4.71
CA ARG A 109 13.44 -31.54 -3.95
C ARG A 109 13.88 -32.70 -4.83
N GLY A 110 15.18 -32.79 -5.08
CA GLY A 110 15.73 -33.97 -5.69
C GLY A 110 15.43 -35.13 -4.78
N GLU A 111 15.57 -36.35 -5.29
CA GLU A 111 15.28 -37.52 -4.47
C GLU A 111 16.45 -37.83 -3.54
N ASP A 112 17.54 -37.07 -3.66
CA ASP A 112 18.65 -37.14 -2.72
C ASP A 112 18.46 -36.16 -1.57
N ALA A 113 17.23 -35.65 -1.47
CA ALA A 113 16.81 -34.60 -0.52
C ALA A 113 17.53 -33.27 -0.79
N SER A 114 18.15 -33.15 -1.96
CA SER A 114 18.79 -31.89 -2.32
C SER A 114 17.73 -30.81 -2.56
N TRP A 115 18.18 -29.57 -2.58
CA TRP A 115 17.32 -28.43 -2.85
C TRP A 115 17.72 -27.87 -4.21
N LEU A 116 16.87 -28.08 -5.20
CA LEU A 116 17.16 -27.77 -6.59
C LEU A 116 16.34 -26.59 -7.11
N PRO A 117 16.99 -25.68 -7.85
CA PRO A 117 16.32 -24.57 -8.52
C PRO A 117 15.18 -25.06 -9.39
N ALA A 118 13.97 -24.56 -9.16
CA ALA A 118 12.82 -24.91 -9.98
C ALA A 118 12.05 -23.64 -10.34
N PHE A 119 12.60 -22.85 -11.25
CA PHE A 119 11.96 -21.57 -11.55
C PHE A 119 11.55 -21.39 -13.03
N SER A 120 11.36 -22.49 -13.74
CA SER A 120 10.75 -22.41 -15.07
C SER A 120 9.29 -22.06 -14.88
N PRO A 121 8.67 -21.40 -15.88
CA PRO A 121 7.23 -21.15 -15.79
C PRO A 121 6.41 -22.37 -15.41
N ALA A 122 6.65 -23.52 -16.03
CA ALA A 122 5.92 -24.72 -15.65
C ALA A 122 6.14 -25.05 -14.17
N GLU A 123 7.40 -24.98 -13.72
CA GLU A 123 7.74 -25.36 -12.35
C GLU A 123 7.11 -24.44 -11.33
N LEU A 124 7.20 -23.13 -11.57
CA LEU A 124 6.59 -22.14 -10.69
C LEU A 124 5.07 -22.30 -10.60
N GLN A 125 4.44 -22.57 -11.75
CA GLN A 125 3.00 -22.80 -11.80
C GLN A 125 2.65 -24.09 -11.09
N LYS A 126 3.44 -25.14 -11.37
CA LYS A 126 3.24 -26.42 -10.67
C LYS A 126 3.38 -26.25 -9.15
N ALA A 127 4.37 -25.47 -8.72
CA ALA A 127 4.60 -25.22 -7.30
C ALA A 127 3.41 -24.49 -6.66
N VAL A 128 2.92 -23.44 -7.33
CA VAL A 128 1.75 -22.73 -6.82
C VAL A 128 0.53 -23.66 -6.77
N HIS A 129 0.45 -24.56 -7.74
CA HIS A 129 -0.67 -25.49 -7.82
C HIS A 129 -0.65 -26.55 -6.71
N ASP A 130 0.54 -27.04 -6.38
CA ASP A 130 0.64 -28.06 -5.35
C ASP A 130 0.30 -27.46 -3.99
N ASN A 131 0.81 -26.26 -3.74
CA ASN A 131 0.46 -25.52 -2.55
C ASN A 131 -1.04 -25.40 -2.35
N LEU A 132 -1.75 -24.98 -3.40
CA LEU A 132 -3.20 -24.86 -3.34
C LEU A 132 -3.91 -26.18 -2.97
N ARG A 133 -3.53 -27.28 -3.61
CA ARG A 133 -4.16 -28.57 -3.34
C ARG A 133 -3.80 -29.13 -1.95
N ASN A 134 -2.54 -28.97 -1.55
CA ASN A 134 -2.11 -29.58 -0.31
C ASN A 134 -2.54 -28.78 0.90
N LEU A 135 -2.67 -27.47 0.74
CA LEU A 135 -3.17 -26.65 1.85
C LEU A 135 -4.70 -26.58 1.85
N GLY A 136 -5.32 -27.00 0.74
CA GLY A 136 -6.77 -26.97 0.62
C GLY A 136 -7.25 -25.54 0.43
N LEU A 137 -6.59 -24.79 -0.46
CA LEU A 137 -6.92 -23.39 -0.67
C LEU A 137 -7.29 -23.08 -2.12
N ASP A 138 -7.99 -21.97 -2.31
CA ASP A 138 -8.28 -21.47 -3.66
C ASP A 138 -7.28 -20.38 -4.04
N VAL A 139 -6.80 -19.66 -3.03
CA VAL A 139 -5.88 -18.56 -3.26
C VAL A 139 -4.78 -18.53 -2.18
N LEU A 140 -3.56 -18.18 -2.56
CA LEU A 140 -2.47 -18.11 -1.61
C LEU A 140 -2.29 -16.69 -1.12
N ASP A 141 -2.24 -16.50 0.20
CA ASP A 141 -2.16 -15.16 0.77
C ASP A 141 -0.86 -14.48 0.35
N VAL A 142 0.25 -15.16 0.59
CA VAL A 142 1.58 -14.61 0.35
C VAL A 142 2.45 -15.71 -0.25
N VAL A 143 3.09 -15.41 -1.38
CA VAL A 143 4.01 -16.37 -1.97
C VAL A 143 5.38 -15.76 -2.19
N ASN A 144 6.36 -16.35 -1.49
CA ASN A 144 7.76 -15.99 -1.63
C ASN A 144 8.36 -16.68 -2.83
N LEU A 145 9.11 -15.92 -3.64
CA LEU A 145 9.97 -16.52 -4.63
C LEU A 145 11.35 -16.70 -4.00
N ARG A 146 11.73 -17.96 -3.80
CA ARG A 146 13.03 -18.31 -3.24
C ARG A 146 14.11 -18.28 -4.33
N VAL A 147 14.87 -17.19 -4.36
CA VAL A 147 15.89 -16.98 -5.39
C VAL A 147 17.12 -17.85 -5.12
N MET A 148 17.67 -18.42 -6.19
CA MET A 148 18.89 -19.25 -6.10
C MET A 148 19.84 -18.94 -7.26
N MET A 149 20.57 -17.84 -7.15
CA MET A 149 21.54 -17.47 -8.17
C MET A 149 22.90 -18.08 -7.84
N GLY A 150 23.58 -18.63 -8.85
CA GLY A 150 24.90 -19.19 -8.64
C GLY A 150 24.96 -20.49 -7.84
N ASP A 151 26.17 -20.87 -7.44
CA ASP A 151 26.44 -22.18 -6.84
C ASP A 151 26.47 -22.15 -5.31
N GLY A 152 26.63 -20.96 -4.73
CA GLY A 152 26.65 -20.81 -3.28
C GLY A 152 25.27 -20.89 -2.66
N HIS A 153 25.23 -20.69 -1.34
CA HIS A 153 24.03 -20.97 -0.56
C HIS A 153 23.39 -19.73 0.08
N GLY A 154 23.57 -18.58 -0.55
CA GLY A 154 22.98 -17.37 -0.01
C GLY A 154 22.64 -16.45 -1.16
N PRO A 155 22.40 -15.16 -0.86
CA PRO A 155 22.10 -14.14 -1.87
C PRO A 155 23.28 -13.93 -2.84
N ALA A 156 22.95 -13.88 -4.13
CA ALA A 156 23.91 -13.62 -5.19
C ALA A 156 23.19 -12.87 -6.31
N GLU A 157 23.92 -12.00 -7.01
CA GLU A 157 23.31 -11.11 -8.00
C GLU A 157 22.90 -11.86 -9.26
N GLY A 158 21.88 -11.31 -9.93
CA GLY A 158 21.29 -11.94 -11.10
C GLY A 158 19.82 -11.57 -11.23
N SER A 159 19.37 -11.34 -12.46
CA SER A 159 18.01 -10.87 -12.67
C SER A 159 16.94 -11.91 -12.32
N ILE A 160 15.95 -11.47 -11.56
CA ILE A 160 14.88 -12.37 -11.13
C ILE A 160 13.58 -12.05 -11.88
N GLU A 161 13.68 -11.22 -12.91
CA GLU A 161 12.51 -10.74 -13.64
C GLU A 161 11.68 -11.88 -14.25
N ALA A 162 12.34 -12.76 -14.99
CA ALA A 162 11.66 -13.88 -15.62
C ALA A 162 10.80 -14.63 -14.61
N SER A 163 11.44 -15.11 -13.53
CA SER A 163 10.75 -15.81 -12.46
C SER A 163 9.63 -14.99 -11.83
N LEU A 164 9.91 -13.73 -11.52
CA LEU A 164 8.92 -12.91 -10.83
C LEU A 164 7.73 -12.62 -11.75
N THR A 165 7.98 -12.41 -13.05
CA THR A 165 6.92 -12.14 -14.02
C THR A 165 5.87 -13.24 -14.00
N VAL A 166 6.35 -14.49 -14.06
CA VAL A 166 5.51 -15.65 -13.92
C VAL A 166 4.65 -15.60 -12.65
N LEU A 167 5.23 -15.11 -11.56
CA LEU A 167 4.49 -14.99 -10.33
C LEU A 167 3.47 -13.88 -10.44
N ALA A 168 3.89 -12.76 -11.00
CA ALA A 168 3.03 -11.59 -11.16
C ALA A 168 1.77 -11.93 -11.97
N GLU A 169 1.87 -12.94 -12.83
CA GLU A 169 0.74 -13.34 -13.67
C GLU A 169 -0.24 -14.19 -12.88
N MET A 170 0.28 -15.11 -12.08
CA MET A 170 -0.60 -15.89 -11.22
C MET A 170 -1.30 -14.96 -10.21
N GLN A 171 -0.65 -13.85 -9.86
CA GLN A 171 -1.29 -12.82 -9.05
C GLN A 171 -2.45 -12.17 -9.82
N GLN A 172 -2.22 -11.90 -11.10
CA GLN A 172 -3.27 -11.35 -11.94
C GLN A 172 -4.41 -12.35 -12.15
N GLN A 173 -4.08 -13.63 -12.31
CA GLN A 173 -5.11 -14.65 -12.44
C GLN A 173 -5.85 -14.92 -11.13
N GLY A 174 -5.49 -14.20 -10.07
CA GLY A 174 -6.17 -14.34 -8.79
C GLY A 174 -5.74 -15.51 -7.91
N LEU A 175 -4.73 -16.28 -8.35
CA LEU A 175 -4.24 -17.43 -7.58
C LEU A 175 -3.31 -17.03 -6.44
N VAL A 176 -2.67 -15.89 -6.58
CA VAL A 176 -1.75 -15.39 -5.56
C VAL A 176 -2.13 -13.96 -5.17
N LYS A 177 -2.36 -13.75 -3.88
CA LYS A 177 -2.77 -12.43 -3.41
C LYS A 177 -1.58 -11.49 -3.31
N HIS A 178 -0.52 -11.94 -2.65
CA HIS A 178 0.63 -11.08 -2.42
C HIS A 178 1.96 -11.78 -2.73
N ILE A 179 2.94 -11.00 -3.15
CA ILE A 179 4.22 -11.54 -3.58
C ILE A 179 5.33 -11.09 -2.66
N GLY A 180 6.21 -12.02 -2.31
CA GLY A 180 7.35 -11.71 -1.49
C GLY A 180 8.63 -12.33 -2.02
N LEU A 181 9.72 -12.12 -1.30
CA LEU A 181 11.04 -12.56 -1.74
C LEU A 181 11.81 -13.24 -0.60
N SER A 182 12.59 -14.26 -0.97
CA SER A 182 13.41 -15.00 -0.05
C SER A 182 14.80 -15.19 -0.63
N ASN A 183 15.82 -14.87 0.15
CA ASN A 183 17.23 -15.03 -0.23
C ASN A 183 17.65 -14.11 -1.39
N VAL A 184 17.61 -12.80 -1.16
CA VAL A 184 17.80 -11.81 -2.21
C VAL A 184 18.70 -10.65 -1.79
N THR A 185 19.49 -10.18 -2.75
CA THR A 185 20.34 -8.99 -2.60
C THR A 185 19.48 -7.72 -2.58
N PRO A 186 20.04 -6.60 -2.09
CA PRO A 186 19.24 -5.36 -2.14
C PRO A 186 18.89 -4.99 -3.59
N THR A 187 19.81 -5.21 -4.51
CA THR A 187 19.56 -4.89 -5.92
C THR A 187 18.39 -5.70 -6.46
N GLN A 188 18.34 -6.99 -6.10
CA GLN A 188 17.28 -7.85 -6.62
C GLN A 188 15.94 -7.41 -6.06
N VAL A 189 15.95 -6.92 -4.83
CA VAL A 189 14.74 -6.37 -4.21
C VAL A 189 14.26 -5.16 -5.00
N ALA A 190 15.19 -4.27 -5.34
CA ALA A 190 14.87 -3.10 -6.16
C ALA A 190 14.29 -3.53 -7.51
N GLU A 191 14.96 -4.48 -8.17
CA GLU A 191 14.49 -4.98 -9.44
C GLU A 191 13.06 -5.46 -9.31
N ALA A 192 12.85 -6.30 -8.31
CA ALA A 192 11.58 -6.95 -8.11
C ALA A 192 10.43 -5.96 -7.96
N ARG A 193 10.69 -4.85 -7.27
CA ARG A 193 9.63 -3.92 -6.92
C ARG A 193 9.16 -3.10 -8.13
N LYS A 194 9.93 -3.13 -9.20
CA LYS A 194 9.52 -2.49 -10.45
C LYS A 194 8.52 -3.36 -11.19
N ILE A 195 8.50 -4.65 -10.87
CA ILE A 195 7.64 -5.61 -11.53
C ILE A 195 6.32 -5.86 -10.77
N ALA A 196 6.43 -6.06 -9.47
CA ALA A 196 5.24 -6.33 -8.66
C ALA A 196 5.42 -5.72 -7.30
N GLU A 197 4.36 -5.65 -6.52
CA GLU A 197 4.51 -5.15 -5.17
C GLU A 197 5.13 -6.26 -4.32
N ILE A 198 6.07 -5.87 -3.49
CA ILE A 198 6.74 -6.81 -2.59
C ILE A 198 6.32 -6.51 -1.16
N VAL A 199 5.72 -7.49 -0.48
CA VAL A 199 5.26 -7.30 0.89
C VAL A 199 6.25 -7.81 1.96
N CYS A 200 7.13 -8.74 1.60
CA CYS A 200 8.15 -9.19 2.54
C CYS A 200 9.45 -9.65 1.89
N VAL A 201 10.52 -9.56 2.66
CA VAL A 201 11.80 -10.11 2.28
C VAL A 201 12.29 -11.07 3.39
N GLN A 202 12.56 -12.32 3.00
CA GLN A 202 12.92 -13.36 3.94
C GLN A 202 14.37 -13.83 3.76
N ASN A 203 15.28 -13.27 4.54
CA ASN A 203 16.71 -13.50 4.38
C ASN A 203 17.42 -14.09 5.63
N GLU A 204 18.62 -14.64 5.40
CA GLU A 204 19.56 -14.93 6.46
C GLU A 204 19.80 -13.70 7.29
N TYR A 205 19.51 -13.77 8.59
CA TYR A 205 19.80 -12.69 9.51
C TYR A 205 19.59 -13.09 10.98
N ASN A 206 20.53 -12.71 11.83
CA ASN A 206 20.34 -12.84 13.29
C ASN A 206 21.43 -12.05 14.04
N ILE A 207 21.54 -12.26 15.35
CA ILE A 207 22.44 -11.47 16.19
C ILE A 207 23.88 -11.45 15.64
N ALA A 208 24.35 -12.60 15.19
CA ALA A 208 25.61 -12.64 14.46
C ALA A 208 25.29 -12.02 13.10
N HIS A 209 25.48 -12.74 12.01
CA HIS A 209 25.10 -12.32 10.63
C HIS A 209 24.13 -11.13 10.40
N ARG A 210 24.67 -9.91 10.46
CA ARG A 210 23.90 -8.68 10.30
C ARG A 210 24.14 -7.89 9.01
N ALA A 211 24.66 -8.55 7.99
CA ALA A 211 24.92 -7.88 6.72
C ALA A 211 23.71 -7.11 6.14
N ASP A 212 22.48 -7.56 6.42
CA ASP A 212 21.30 -6.94 5.82
C ASP A 212 20.77 -5.75 6.62
N ASP A 213 21.53 -5.33 7.63
CA ASP A 213 21.06 -4.28 8.54
C ASP A 213 20.42 -3.07 7.84
N ALA A 214 21.10 -2.53 6.83
CA ALA A 214 20.63 -1.33 6.16
C ALA A 214 19.35 -1.60 5.38
N MET A 215 19.32 -2.74 4.69
CA MET A 215 18.13 -3.15 3.95
C MET A 215 16.91 -3.24 4.87
N ILE A 216 17.12 -3.78 6.06
CA ILE A 216 16.05 -3.94 7.03
C ILE A 216 15.40 -2.59 7.30
N ASP A 217 16.23 -1.62 7.63
CA ASP A 217 15.75 -0.28 7.94
C ASP A 217 15.10 0.39 6.74
N ALA A 218 15.63 0.11 5.56
CA ALA A 218 15.11 0.69 4.33
C ALA A 218 13.74 0.14 4.04
N LEU A 219 13.63 -1.18 4.08
CA LEU A 219 12.35 -1.86 3.95
C LEU A 219 11.37 -1.36 5.00
N ALA A 220 11.85 -1.23 6.24
CA ALA A 220 11.04 -0.71 7.34
C ALA A 220 10.33 0.57 6.94
N HIS A 221 11.09 1.52 6.41
CA HIS A 221 10.58 2.80 5.92
C HIS A 221 9.44 2.67 4.90
N ASP A 222 9.48 1.62 4.10
CA ASP A 222 8.46 1.43 3.07
C ASP A 222 7.34 0.46 3.46
N GLY A 223 7.33 0.04 4.72
CA GLY A 223 6.26 -0.82 5.21
C GLY A 223 6.35 -2.24 4.66
N ILE A 224 7.57 -2.66 4.35
CA ILE A 224 7.81 -4.00 3.82
C ILE A 224 8.46 -4.87 4.90
N ALA A 225 7.88 -6.03 5.15
CA ALA A 225 8.33 -6.91 6.24
C ALA A 225 9.69 -7.52 5.93
N TYR A 226 10.46 -7.78 6.98
CA TYR A 226 11.70 -8.55 6.86
C TYR A 226 11.63 -9.78 7.77
N VAL A 227 11.96 -10.93 7.21
CA VAL A 227 11.73 -12.19 7.90
C VAL A 227 13.02 -12.99 8.01
N PRO A 228 13.73 -12.84 9.13
CA PRO A 228 14.97 -13.61 9.32
C PRO A 228 14.71 -15.12 9.31
N PHE A 229 15.50 -15.89 8.55
CA PHE A 229 15.42 -17.36 8.51
C PHE A 229 15.50 -18.00 9.89
N PHE A 230 16.68 -17.87 10.52
CA PHE A 230 17.03 -18.62 11.74
C PHE A 230 17.60 -17.74 12.84
N PRO A 231 16.82 -17.53 13.90
CA PRO A 231 17.23 -16.77 15.10
C PRO A 231 18.60 -17.19 15.65
N LEU A 232 18.96 -18.45 15.55
CA LEU A 232 20.19 -18.92 16.18
C LEU A 232 21.20 -19.63 15.28
N GLY A 233 21.11 -19.44 13.97
CA GLY A 233 22.06 -20.08 13.08
C GLY A 233 23.50 -19.55 13.08
N GLY A 234 24.46 -20.47 13.01
CA GLY A 234 25.86 -20.14 12.76
C GLY A 234 26.66 -19.31 13.75
N PHE A 235 26.42 -19.49 15.05
CA PHE A 235 27.19 -18.76 16.09
C PHE A 235 28.50 -19.44 16.45
N THR A 236 29.56 -18.67 16.63
CA THR A 236 30.85 -19.22 17.08
C THR A 236 30.71 -19.62 18.57
N PRO A 237 31.66 -20.43 19.10
CA PRO A 237 31.56 -20.82 20.51
C PRO A 237 31.44 -19.60 21.40
N LEU A 238 32.27 -18.61 21.13
CA LEU A 238 32.29 -17.40 21.96
C LEU A 238 31.05 -16.54 21.79
N GLN A 239 30.49 -16.52 20.59
CA GLN A 239 29.27 -15.75 20.36
C GLN A 239 28.14 -16.42 21.10
N SER A 240 28.09 -17.74 20.95
CA SER A 240 27.08 -18.55 21.63
C SER A 240 27.22 -18.41 23.14
N SER A 241 28.46 -18.35 23.61
CA SER A 241 28.77 -18.26 25.04
C SER A 241 28.33 -16.93 25.62
N THR A 242 28.48 -15.87 24.85
CA THR A 242 28.03 -14.56 25.28
C THR A 242 26.51 -14.53 25.40
N LEU A 243 25.83 -15.16 24.43
CA LEU A 243 24.37 -15.19 24.46
C LEU A 243 23.86 -15.96 25.69
N SER A 244 24.47 -17.12 25.97
CA SER A 244 24.10 -17.94 27.14
C SER A 244 24.32 -17.20 28.44
N ASP A 245 25.42 -16.44 28.52
CA ASP A 245 25.68 -15.58 29.68
C ASP A 245 24.48 -14.67 29.89
N VAL A 246 24.15 -13.93 28.84
CA VAL A 246 23.05 -12.98 28.87
C VAL A 246 21.71 -13.65 29.19
N ALA A 247 21.46 -14.81 28.57
CA ALA A 247 20.24 -15.55 28.80
C ALA A 247 20.13 -16.00 30.25
N ALA A 248 21.25 -16.47 30.79
CA ALA A 248 21.27 -16.97 32.17
C ALA A 248 20.96 -15.85 33.16
N SER A 249 21.57 -14.68 32.96
CA SER A 249 21.34 -13.55 33.83
C SER A 249 19.87 -13.14 33.84
N LEU A 250 19.21 -13.32 32.70
CA LEU A 250 17.81 -12.95 32.54
C LEU A 250 16.83 -14.06 32.88
N GLY A 251 17.36 -15.24 33.20
CA GLY A 251 16.52 -16.40 33.43
C GLY A 251 15.86 -16.84 32.14
N ALA A 252 16.52 -16.55 31.02
CA ALA A 252 15.92 -16.92 29.75
C ALA A 252 16.77 -17.93 29.01
N THR A 253 16.13 -18.49 28.00
CA THR A 253 16.76 -19.37 27.04
C THR A 253 17.51 -18.52 26.01
N PRO A 254 18.61 -19.03 25.41
CA PRO A 254 19.29 -18.26 24.36
C PRO A 254 18.39 -18.00 23.14
N MET A 255 17.52 -18.95 22.82
CA MET A 255 16.61 -18.77 21.71
C MET A 255 15.60 -17.67 22.05
N GLN A 256 15.21 -17.58 23.32
CA GLN A 256 14.30 -16.52 23.75
C GLN A 256 14.97 -15.15 23.67
N VAL A 257 16.25 -15.09 23.99
CA VAL A 257 16.98 -13.84 23.86
C VAL A 257 17.19 -13.49 22.39
N ALA A 258 17.50 -14.50 21.60
CA ALA A 258 17.66 -14.34 20.18
C ALA A 258 16.39 -13.72 19.57
N LEU A 259 15.24 -14.33 19.85
CA LEU A 259 13.96 -13.83 19.35
C LEU A 259 13.65 -12.43 19.87
N ALA A 260 13.80 -12.22 21.17
CA ALA A 260 13.49 -10.91 21.75
C ALA A 260 14.31 -9.79 21.10
N TRP A 261 15.56 -10.09 20.77
CA TRP A 261 16.45 -9.12 20.15
C TRP A 261 15.94 -8.80 18.75
N LEU A 262 15.54 -9.83 18.02
CA LEU A 262 15.00 -9.67 16.68
C LEU A 262 13.77 -8.78 16.67
N LEU A 263 12.92 -8.94 17.67
CA LEU A 263 11.68 -8.15 17.75
C LEU A 263 11.94 -6.67 17.98
N GLN A 264 12.91 -6.35 18.83
CA GLN A 264 13.22 -4.95 19.16
C GLN A 264 14.08 -4.28 18.09
N ARG A 265 14.75 -5.10 17.29
CA ARG A 265 15.71 -4.58 16.33
C ARG A 265 15.01 -3.68 15.30
N SER A 266 13.77 -4.03 14.96
CA SER A 266 13.03 -3.28 13.96
C SER A 266 11.57 -3.70 13.97
N PRO A 267 10.64 -2.73 13.83
CA PRO A 267 9.21 -3.02 13.92
C PRO A 267 8.67 -3.82 12.72
N ASN A 268 9.39 -3.85 11.62
CA ASN A 268 8.97 -4.62 10.45
C ASN A 268 9.50 -6.05 10.43
N ILE A 269 10.14 -6.49 11.51
CA ILE A 269 10.68 -7.85 11.53
C ILE A 269 9.60 -8.85 11.97
N LEU A 270 9.48 -9.96 11.24
CA LEU A 270 8.55 -11.03 11.60
C LEU A 270 9.31 -12.33 11.82
N LEU A 271 9.06 -13.00 12.94
CA LEU A 271 9.80 -14.23 13.25
C LEU A 271 8.99 -15.47 12.95
N ILE A 272 9.71 -16.48 12.45
CA ILE A 272 9.08 -17.77 12.12
C ILE A 272 9.87 -18.94 12.68
N PRO A 273 10.17 -18.92 14.00
CA PRO A 273 10.95 -20.04 14.55
C PRO A 273 10.25 -21.37 14.35
N GLY A 274 11.01 -22.40 13.96
CA GLY A 274 10.47 -23.73 13.76
C GLY A 274 10.80 -24.72 14.88
N THR A 275 9.85 -25.60 15.20
CA THR A 275 10.09 -26.65 16.19
C THR A 275 9.05 -27.78 16.10
N SER A 276 9.50 -28.99 16.42
CA SER A 276 8.67 -30.20 16.49
C SER A 276 8.21 -30.45 17.90
N SER A 277 8.39 -29.47 18.77
CA SER A 277 8.21 -29.67 20.19
C SER A 277 7.34 -28.62 20.82
N VAL A 278 6.32 -29.06 21.55
CA VAL A 278 5.40 -28.15 22.23
C VAL A 278 6.11 -27.26 23.25
N ALA A 279 7.02 -27.84 24.01
CA ALA A 279 7.78 -27.08 25.01
C ALA A 279 8.51 -25.93 24.35
N HIS A 280 9.24 -26.22 23.28
CA HIS A 280 10.00 -25.17 22.60
C HIS A 280 9.07 -24.14 21.96
N LEU A 281 7.91 -24.59 21.47
CA LEU A 281 6.90 -23.68 20.95
C LEU A 281 6.47 -22.73 22.03
N ARG A 282 6.10 -23.31 23.17
CA ARG A 282 5.73 -22.54 24.36
C ARG A 282 6.83 -21.56 24.80
N GLU A 283 8.07 -22.01 24.87
CA GLU A 283 9.11 -21.10 25.31
C GLU A 283 9.41 -20.05 24.21
N ASN A 284 9.28 -20.42 22.94
CA ASN A 284 9.42 -19.42 21.87
C ASN A 284 8.40 -18.32 22.01
N MET A 285 7.16 -18.71 22.30
CA MET A 285 6.06 -17.75 22.35
C MET A 285 6.24 -16.80 23.53
N ALA A 286 6.87 -17.31 24.59
CA ALA A 286 7.13 -16.54 25.81
C ALA A 286 8.14 -15.42 25.60
N ALA A 287 8.91 -15.51 24.53
CA ALA A 287 9.88 -14.47 24.16
C ALA A 287 9.26 -13.07 24.03
N GLU A 288 7.98 -12.99 23.71
CA GLU A 288 7.33 -11.69 23.55
C GLU A 288 7.37 -10.91 24.87
N LYS A 289 7.43 -11.65 25.98
CA LYS A 289 7.45 -11.05 27.31
C LYS A 289 8.85 -10.65 27.75
N LEU A 290 9.86 -11.23 27.10
CA LEU A 290 11.24 -11.04 27.57
C LEU A 290 11.72 -9.61 27.37
N HIS A 291 11.93 -8.93 28.48
CA HIS A 291 12.34 -7.55 28.40
C HIS A 291 13.86 -7.41 28.32
N LEU A 292 14.35 -6.82 27.25
CA LEU A 292 15.78 -6.63 27.05
C LEU A 292 16.24 -5.24 27.47
N SER A 293 17.00 -5.18 28.56
CA SER A 293 17.56 -3.93 29.06
C SER A 293 18.52 -3.28 28.07
N GLU A 294 18.58 -1.96 28.12
CA GLU A 294 19.56 -1.21 27.33
C GLU A 294 20.99 -1.71 27.57
N GLU A 295 21.30 -2.04 28.81
CA GLU A 295 22.61 -2.59 29.18
C GLU A 295 22.84 -3.92 28.48
N VAL A 296 21.85 -4.80 28.54
CA VAL A 296 21.88 -6.08 27.86
C VAL A 296 22.01 -5.88 26.35
N LEU A 297 21.30 -4.90 25.82
CA LEU A 297 21.35 -4.55 24.39
C LEU A 297 22.75 -4.17 23.95
N SER A 298 23.48 -3.54 24.85
CA SER A 298 24.87 -3.17 24.58
C SER A 298 25.74 -4.41 24.32
N THR A 299 25.61 -5.41 25.18
CA THR A 299 26.36 -6.65 25.02
C THR A 299 25.98 -7.36 23.72
N LEU A 300 24.69 -7.50 23.47
CA LEU A 300 24.21 -8.24 22.29
C LEU A 300 24.57 -7.54 20.98
N ASP A 301 24.45 -6.22 20.95
CA ASP A 301 24.81 -5.46 19.75
C ASP A 301 26.27 -5.64 19.35
N GLY A 302 27.10 -6.12 20.28
CA GLY A 302 28.54 -6.24 20.05
C GLY A 302 29.02 -7.63 19.68
N ILE A 303 28.09 -8.58 19.64
CA ILE A 303 28.40 -9.98 19.37
C ILE A 303 28.96 -10.20 17.96
N SER A 304 28.42 -9.47 16.97
CA SER A 304 28.88 -9.64 15.59
C SER A 304 30.18 -8.86 15.33
N ARG A 305 30.48 -7.92 16.22
CA ARG A 305 31.75 -7.21 16.17
C ARG A 305 32.74 -7.85 17.15
N ASN B 24 0.78 2.97 -8.30
CA ASN B 24 -0.14 4.09 -8.06
C ASN B 24 -0.12 5.12 -9.18
N THR B 25 -0.33 4.66 -10.41
CA THR B 25 -0.53 5.55 -11.52
C THR B 25 -1.86 5.26 -12.22
N PHE B 26 -2.29 6.19 -13.06
CA PHE B 26 -3.52 6.03 -13.84
C PHE B 26 -3.46 6.97 -15.04
N THR B 27 -3.96 6.52 -16.17
CA THR B 27 -3.91 7.35 -17.36
C THR B 27 -5.09 8.31 -17.37
N LEU B 28 -4.83 9.55 -16.99
CA LEU B 28 -5.81 10.62 -17.09
C LEU B 28 -5.60 11.35 -18.41
N GLY B 29 -6.59 11.29 -19.30
CA GLY B 29 -6.45 11.89 -20.62
C GLY B 29 -5.48 11.10 -21.47
N THR B 30 -4.37 11.72 -21.84
CA THR B 30 -3.31 11.02 -22.56
C THR B 30 -2.02 10.93 -21.73
N LYS B 31 -2.02 11.54 -20.54
CA LYS B 31 -0.88 11.51 -19.62
C LYS B 31 -1.12 10.62 -18.43
N SER B 32 -0.10 9.87 -18.02
CA SER B 32 -0.23 9.15 -16.78
C SER B 32 -0.01 10.13 -15.63
N VAL B 33 -0.75 9.94 -14.54
CA VAL B 33 -0.60 10.76 -13.35
C VAL B 33 -0.27 9.88 -12.15
N ASN B 34 0.45 10.41 -11.18
CA ASN B 34 0.62 9.78 -9.86
C ASN B 34 -0.71 9.93 -9.12
N ARG B 35 -1.21 8.85 -8.52
CA ARG B 35 -2.54 8.91 -7.92
C ARG B 35 -2.54 9.83 -6.70
N LEU B 36 -1.37 10.09 -6.11
CA LEU B 36 -1.26 11.10 -5.05
C LEU B 36 -0.94 12.46 -5.67
N GLY B 37 -1.98 13.23 -5.92
CA GLY B 37 -1.86 14.54 -6.53
C GLY B 37 -1.99 15.61 -5.48
N TYR B 38 -2.14 16.85 -5.92
CA TYR B 38 -2.24 17.95 -4.99
C TYR B 38 -3.41 18.86 -5.36
N GLY B 39 -4.25 19.19 -4.39
CA GLY B 39 -5.32 20.15 -4.63
C GLY B 39 -4.90 21.54 -4.20
N ALA B 40 -5.14 22.55 -5.02
CA ALA B 40 -4.57 23.88 -4.74
C ALA B 40 -5.51 24.80 -3.97
N MET B 41 -6.65 24.28 -3.52
CA MET B 41 -7.70 25.09 -2.90
C MET B 41 -7.29 25.84 -1.64
N GLN B 42 -6.27 25.36 -0.93
CA GLN B 42 -5.78 26.09 0.23
C GLN B 42 -4.87 27.27 -0.14
N LEU B 43 -4.42 27.32 -1.39
CA LEU B 43 -3.53 28.41 -1.78
C LEU B 43 -4.31 29.67 -2.14
N ALA B 44 -5.10 30.12 -1.17
CA ALA B 44 -5.89 31.33 -1.25
C ALA B 44 -6.24 31.76 0.18
N GLY B 45 -6.80 32.95 0.34
CA GLY B 45 -7.28 33.39 1.63
C GLY B 45 -8.44 32.58 2.13
N PRO B 46 -8.91 32.88 3.36
CA PRO B 46 -10.01 32.16 4.01
C PRO B 46 -11.24 32.12 3.12
N GLY B 47 -11.97 31.00 3.13
CA GLY B 47 -13.08 30.81 2.22
C GLY B 47 -12.65 30.76 0.75
N VAL B 48 -11.39 30.39 0.52
CA VAL B 48 -10.78 30.32 -0.81
C VAL B 48 -11.00 31.65 -1.53
N PHE B 49 -10.82 32.74 -0.80
CA PHE B 49 -11.10 34.06 -1.34
C PHE B 49 -9.95 34.98 -1.05
N GLY B 50 -9.41 35.60 -2.09
CA GLY B 50 -8.29 36.51 -1.94
C GLY B 50 -6.97 35.78 -1.75
N PRO B 51 -5.90 36.54 -1.53
CA PRO B 51 -4.54 36.03 -1.39
C PRO B 51 -4.37 35.10 -0.20
N PRO B 52 -3.38 34.20 -0.25
CA PRO B 52 -3.11 33.37 0.92
C PRO B 52 -2.36 34.17 1.99
N ARG B 53 -2.47 33.76 3.26
CA ARG B 53 -1.81 34.49 4.33
C ARG B 53 -0.29 34.56 4.12
N ASP B 54 0.26 33.61 3.37
CA ASP B 54 1.69 33.64 3.05
C ASP B 54 1.95 33.07 1.65
N ARG B 55 2.19 33.96 0.67
CA ARG B 55 2.39 33.53 -0.73
C ARG B 55 3.68 32.73 -0.89
N HIS B 56 4.66 33.03 -0.03
CA HIS B 56 5.94 32.34 -0.04
C HIS B 56 5.78 30.87 0.29
N VAL B 57 5.03 30.60 1.34
CA VAL B 57 4.68 29.25 1.73
C VAL B 57 3.99 28.53 0.60
N ALA B 58 3.03 29.22 -0.02
CA ALA B 58 2.27 28.64 -1.13
C ALA B 58 3.19 28.21 -2.27
N ILE B 59 4.09 29.10 -2.68
CA ILE B 59 5.07 28.78 -3.72
C ILE B 59 5.94 27.58 -3.32
N THR B 60 6.40 27.58 -2.09
CA THR B 60 7.22 26.47 -1.58
C THR B 60 6.51 25.12 -1.66
N VAL B 61 5.27 25.08 -1.18
CA VAL B 61 4.47 23.86 -1.20
C VAL B 61 4.33 23.26 -2.59
N LEU B 62 3.98 24.11 -3.55
CA LEU B 62 3.88 23.70 -4.94
C LEU B 62 5.17 23.07 -5.44
N ARG B 63 6.28 23.76 -5.22
CA ARG B 63 7.58 23.26 -5.64
C ARG B 63 7.96 21.97 -4.90
N GLU B 64 7.77 21.97 -3.58
CA GLU B 64 7.98 20.74 -2.81
C GLU B 64 7.12 19.58 -3.35
N ALA B 65 5.90 19.90 -3.79
CA ALA B 65 4.97 18.88 -4.28
C ALA B 65 5.51 18.15 -5.50
N LEU B 66 6.00 18.93 -6.46
CA LEU B 66 6.58 18.35 -7.67
C LEU B 66 7.79 17.50 -7.30
N ALA B 67 8.60 18.01 -6.37
CA ALA B 67 9.81 17.32 -5.89
C ALA B 67 9.44 15.96 -5.30
N LEU B 68 8.38 15.94 -4.49
CA LEU B 68 7.86 14.71 -3.92
C LEU B 68 7.24 13.79 -4.97
N GLY B 69 7.04 14.25 -6.20
CA GLY B 69 6.55 13.37 -7.24
C GLY B 69 5.11 13.62 -7.70
N VAL B 70 4.50 14.67 -7.19
CA VAL B 70 3.18 15.08 -7.68
C VAL B 70 3.31 15.48 -9.15
N ASN B 71 2.37 15.04 -9.98
CA ASN B 71 2.27 15.53 -11.37
C ASN B 71 0.82 15.69 -11.80
N HIS B 72 -0.05 15.76 -10.79
CA HIS B 72 -1.46 16.07 -10.98
C HIS B 72 -1.81 17.20 -10.01
N ILE B 73 -2.07 18.39 -10.54
CA ILE B 73 -2.51 19.49 -9.71
C ILE B 73 -3.96 19.88 -10.04
N ASP B 74 -4.79 19.94 -9.01
CA ASP B 74 -6.17 20.36 -9.21
C ASP B 74 -6.36 21.82 -8.85
N THR B 75 -7.00 22.58 -9.73
CA THR B 75 -7.11 24.01 -9.52
C THR B 75 -8.39 24.58 -10.17
N SER B 76 -8.59 25.88 -10.00
CA SER B 76 -9.75 26.56 -10.55
C SER B 76 -9.43 28.02 -10.57
N ASP B 77 -9.88 28.74 -11.59
CA ASP B 77 -9.63 30.16 -11.60
C ASP B 77 -10.63 30.89 -10.71
N PHE B 78 -11.70 30.23 -10.25
CA PHE B 78 -12.57 30.89 -9.28
C PHE B 78 -12.19 30.56 -7.82
N TYR B 79 -10.98 30.03 -7.63
CA TYR B 79 -10.31 30.04 -6.30
C TYR B 79 -9.60 31.38 -6.16
N GLY B 80 -9.99 32.21 -5.20
CA GLY B 80 -9.41 33.55 -5.11
C GLY B 80 -10.37 34.71 -5.35
N PRO B 81 -10.88 34.86 -6.59
CA PRO B 81 -10.48 34.13 -7.80
C PRO B 81 -9.09 34.54 -8.32
N HIS B 82 -8.64 33.87 -9.38
CA HIS B 82 -7.42 34.22 -10.13
C HIS B 82 -6.12 33.90 -9.38
N VAL B 83 -6.06 34.25 -8.11
CA VAL B 83 -4.78 34.26 -7.38
C VAL B 83 -4.14 32.88 -7.32
N THR B 84 -4.94 31.84 -7.13
CA THR B 84 -4.38 30.50 -6.97
C THR B 84 -3.66 30.05 -8.23
N ASN B 85 -4.28 30.31 -9.38
CA ASN B 85 -3.63 30.01 -10.66
C ASN B 85 -2.35 30.82 -10.85
N GLN B 86 -2.40 32.10 -10.48
CA GLN B 86 -1.25 32.97 -10.65
C GLN B 86 -0.05 32.51 -9.78
N ILE B 87 -0.37 31.96 -8.60
CA ILE B 87 0.64 31.42 -7.70
C ILE B 87 1.27 30.16 -8.30
N ILE B 88 0.43 29.25 -8.79
CA ILE B 88 0.92 28.08 -9.53
C ILE B 88 1.88 28.50 -10.67
N ARG B 89 1.48 29.53 -11.44
CA ARG B 89 2.30 29.99 -12.55
C ARG B 89 3.64 30.55 -12.08
N GLU B 90 3.59 31.45 -11.09
CA GLU B 90 4.81 32.01 -10.51
C GLU B 90 5.70 30.90 -9.96
N ALA B 91 5.10 29.98 -9.23
CA ALA B 91 5.84 28.87 -8.63
C ALA B 91 6.43 27.88 -9.63
N LEU B 92 5.72 27.60 -10.72
CA LEU B 92 6.02 26.39 -11.49
C LEU B 92 6.24 26.56 -12.99
N TYR B 93 5.80 27.67 -13.59
CA TYR B 93 6.06 27.83 -15.02
C TYR B 93 7.55 28.08 -15.21
N PRO B 94 8.19 27.41 -16.18
CA PRO B 94 7.60 26.55 -17.21
C PRO B 94 7.37 25.09 -16.82
N TYR B 95 6.15 24.61 -17.05
CA TYR B 95 5.74 23.27 -16.62
C TYR B 95 6.41 22.18 -17.43
N SER B 96 6.87 21.14 -16.76
CA SER B 96 7.39 19.98 -17.49
C SER B 96 6.27 19.28 -18.25
N ASP B 97 6.64 18.59 -19.33
CA ASP B 97 5.70 17.82 -20.17
C ASP B 97 4.86 16.88 -19.31
N ASP B 98 5.49 16.48 -18.20
CA ASP B 98 4.99 15.50 -17.26
C ASP B 98 3.71 15.89 -16.52
N LEU B 99 3.54 17.18 -16.28
CA LEU B 99 2.51 17.68 -15.38
C LEU B 99 1.13 17.84 -16.04
N THR B 100 0.10 17.36 -15.36
CA THR B 100 -1.29 17.64 -15.70
C THR B 100 -1.87 18.65 -14.73
N ILE B 101 -2.34 19.79 -15.24
CA ILE B 101 -3.08 20.72 -14.42
C ILE B 101 -4.53 20.57 -14.78
N VAL B 102 -5.36 20.20 -13.80
CA VAL B 102 -6.79 20.08 -14.02
C VAL B 102 -7.47 21.31 -13.43
N THR B 103 -8.35 21.94 -14.20
CA THR B 103 -9.06 23.10 -13.65
C THR B 103 -10.57 22.91 -13.75
N LYS B 104 -11.32 23.76 -13.04
CA LYS B 104 -12.79 23.64 -13.00
C LYS B 104 -13.45 24.94 -13.41
N ILE B 105 -14.53 24.85 -14.20
CA ILE B 105 -15.28 26.04 -14.56
C ILE B 105 -16.75 25.79 -14.28
N GLY B 106 -17.54 26.86 -14.19
CA GLY B 106 -18.98 26.70 -14.01
C GLY B 106 -19.53 27.51 -12.86
N ALA B 107 -18.64 28.21 -12.17
CA ALA B 107 -19.01 29.05 -11.06
C ALA B 107 -18.21 30.35 -11.10
N ARG B 108 -18.73 31.38 -10.45
CA ARG B 108 -17.98 32.61 -10.24
C ARG B 108 -18.06 33.00 -8.77
N ARG B 109 -17.22 33.94 -8.33
CA ARG B 109 -17.27 34.39 -6.95
C ARG B 109 -17.90 35.78 -6.81
N GLY B 110 -18.74 35.95 -5.80
CA GLY B 110 -19.37 37.23 -5.57
C GLY B 110 -18.52 38.06 -4.64
N GLU B 111 -18.88 39.33 -4.46
CA GLU B 111 -18.12 40.25 -3.62
C GLU B 111 -17.95 39.72 -2.20
N ASP B 112 -18.92 38.93 -1.74
CA ASP B 112 -18.92 38.39 -0.38
C ASP B 112 -18.41 36.96 -0.32
N ALA B 113 -17.53 36.63 -1.27
CA ALA B 113 -16.89 35.32 -1.37
C ALA B 113 -17.87 34.18 -1.62
N SER B 114 -19.06 34.51 -2.11
CA SER B 114 -20.05 33.46 -2.39
C SER B 114 -19.71 32.70 -3.67
N TRP B 115 -20.32 31.53 -3.83
CA TRP B 115 -20.10 30.68 -4.98
C TRP B 115 -21.38 30.63 -5.83
N LEU B 116 -21.35 31.33 -6.94
CA LEU B 116 -22.53 31.54 -7.77
C LEU B 116 -22.40 30.79 -9.11
N PRO B 117 -23.52 30.25 -9.59
CA PRO B 117 -23.57 29.56 -10.88
C PRO B 117 -23.04 30.45 -11.99
N ALA B 118 -22.29 29.89 -12.93
CA ALA B 118 -21.81 30.68 -14.07
C ALA B 118 -21.73 29.81 -15.33
N PHE B 119 -22.89 29.47 -15.87
CA PHE B 119 -22.98 28.47 -16.94
C PHE B 119 -23.32 29.02 -18.31
N SER B 120 -23.57 30.31 -18.41
CA SER B 120 -23.84 30.92 -19.71
C SER B 120 -22.65 30.69 -20.63
N PRO B 121 -22.91 30.52 -21.93
CA PRO B 121 -21.84 30.42 -22.92
C PRO B 121 -20.74 31.46 -22.71
N ALA B 122 -21.12 32.70 -22.44
CA ALA B 122 -20.16 33.76 -22.21
C ALA B 122 -19.28 33.47 -21.00
N GLU B 123 -19.89 33.02 -19.91
CA GLU B 123 -19.12 32.82 -18.67
C GLU B 123 -18.14 31.64 -18.81
N LEU B 124 -18.60 30.54 -19.41
CA LEU B 124 -17.77 29.36 -19.62
C LEU B 124 -16.53 29.66 -20.47
N GLN B 125 -16.76 30.34 -21.59
CA GLN B 125 -15.70 30.81 -22.46
C GLN B 125 -14.78 31.76 -21.72
N LYS B 126 -15.36 32.68 -20.96
CA LYS B 126 -14.55 33.59 -20.15
C LYS B 126 -13.64 32.79 -19.18
N ALA B 127 -14.24 31.85 -18.45
CA ALA B 127 -13.54 31.03 -17.47
C ALA B 127 -12.37 30.29 -18.11
N VAL B 128 -12.59 29.77 -19.31
CA VAL B 128 -11.50 29.08 -20.02
C VAL B 128 -10.39 30.06 -20.42
N HIS B 129 -10.77 31.24 -20.88
CA HIS B 129 -9.83 32.27 -21.32
C HIS B 129 -8.99 32.77 -20.15
N ASP B 130 -9.60 32.85 -18.97
CA ASP B 130 -8.92 33.30 -17.77
C ASP B 130 -7.92 32.25 -17.27
N ASN B 131 -8.35 31.00 -17.25
CA ASN B 131 -7.46 29.90 -16.90
C ASN B 131 -6.21 29.91 -17.78
N LEU B 132 -6.40 30.11 -19.09
CA LEU B 132 -5.30 30.10 -20.05
C LEU B 132 -4.27 31.18 -19.74
N ARG B 133 -4.77 32.37 -19.43
CA ARG B 133 -3.92 33.49 -19.09
C ARG B 133 -3.23 33.30 -17.74
N ASN B 134 -4.01 32.93 -16.73
CA ASN B 134 -3.49 32.97 -15.40
C ASN B 134 -2.52 31.81 -15.11
N LEU B 135 -2.71 30.70 -15.82
CA LEU B 135 -1.78 29.58 -15.74
C LEU B 135 -0.66 29.70 -16.78
N GLY B 136 -0.83 30.60 -17.76
CA GLY B 136 0.16 30.79 -18.81
C GLY B 136 0.22 29.62 -19.77
N LEU B 137 -0.93 29.05 -20.12
CA LEU B 137 -0.97 27.91 -21.03
C LEU B 137 -1.62 28.29 -22.36
N ASP B 138 -1.35 27.52 -23.41
CA ASP B 138 -2.03 27.72 -24.69
C ASP B 138 -3.23 26.75 -24.81
N VAL B 139 -3.16 25.63 -24.11
CA VAL B 139 -4.26 24.67 -24.07
C VAL B 139 -4.40 24.09 -22.67
N LEU B 140 -5.62 23.91 -22.21
CA LEU B 140 -5.85 23.27 -20.92
C LEU B 140 -5.88 21.75 -21.10
N ASP B 141 -5.13 21.03 -20.26
CA ASP B 141 -5.13 19.56 -20.30
C ASP B 141 -6.52 18.99 -20.06
N VAL B 142 -7.08 19.31 -18.92
CA VAL B 142 -8.42 18.86 -18.53
C VAL B 142 -9.21 20.00 -17.91
N VAL B 143 -10.45 20.18 -18.35
CA VAL B 143 -11.34 21.12 -17.71
C VAL B 143 -12.60 20.40 -17.17
N ASN B 144 -12.81 20.45 -15.86
CA ASN B 144 -14.04 19.91 -15.27
C ASN B 144 -15.14 20.95 -15.38
N LEU B 145 -16.34 20.51 -15.76
CA LEU B 145 -17.53 21.33 -15.60
C LEU B 145 -18.13 21.08 -14.21
N ARG B 146 -18.05 22.09 -13.35
CA ARG B 146 -18.63 22.05 -12.02
C ARG B 146 -20.13 22.33 -12.08
N VAL B 147 -20.91 21.28 -12.26
CA VAL B 147 -22.37 21.40 -12.32
C VAL B 147 -22.96 21.89 -10.99
N MET B 148 -23.92 22.81 -11.08
CA MET B 148 -24.68 23.27 -9.90
C MET B 148 -26.17 23.32 -10.23
N MET B 149 -26.92 22.29 -9.86
CA MET B 149 -28.27 22.16 -10.40
C MET B 149 -29.38 22.41 -9.39
N GLY B 150 -29.04 22.47 -8.12
CA GLY B 150 -30.06 22.65 -7.10
C GLY B 150 -29.89 23.93 -6.29
N ASP B 151 -30.87 24.20 -5.43
CA ASP B 151 -30.77 25.30 -4.47
C ASP B 151 -29.80 24.93 -3.35
N GLY B 152 -29.59 23.63 -3.16
CA GLY B 152 -28.58 23.14 -2.24
C GLY B 152 -27.36 22.67 -3.01
N HIS B 153 -26.27 22.44 -2.29
CA HIS B 153 -25.05 21.98 -2.94
C HIS B 153 -24.97 20.46 -2.88
N GLY B 154 -24.13 19.89 -3.74
CA GLY B 154 -24.12 18.45 -3.92
C GLY B 154 -24.87 18.12 -5.19
N PRO B 155 -24.73 16.89 -5.70
CA PRO B 155 -25.34 16.47 -6.97
C PRO B 155 -26.87 16.57 -6.97
N ALA B 156 -27.42 16.96 -8.11
CA ALA B 156 -28.87 17.06 -8.32
C ALA B 156 -29.16 16.93 -9.80
N GLU B 157 -30.31 16.34 -10.14
CA GLU B 157 -30.62 16.04 -11.52
C GLU B 157 -30.93 17.30 -12.31
N GLY B 158 -30.79 17.20 -13.63
CA GLY B 158 -31.05 18.30 -14.54
C GLY B 158 -30.09 18.24 -15.72
N SER B 159 -30.58 18.46 -16.93
CA SER B 159 -29.78 18.36 -18.15
C SER B 159 -28.55 19.24 -18.11
N ILE B 160 -27.41 18.68 -18.49
CA ILE B 160 -26.19 19.49 -18.50
C ILE B 160 -25.75 19.73 -19.94
N GLU B 161 -26.65 19.47 -20.87
CA GLU B 161 -26.30 19.52 -22.28
C GLU B 161 -25.81 20.89 -22.76
N ALA B 162 -26.52 21.95 -22.37
CA ALA B 162 -26.14 23.30 -22.82
C ALA B 162 -24.73 23.67 -22.40
N SER B 163 -24.43 23.53 -21.10
CA SER B 163 -23.10 23.85 -20.60
C SER B 163 -22.01 22.96 -21.21
N LEU B 164 -22.28 21.67 -21.31
CA LEU B 164 -21.26 20.77 -21.80
C LEU B 164 -20.98 20.99 -23.29
N THR B 165 -22.04 21.27 -24.05
CA THR B 165 -21.92 21.58 -25.48
C THR B 165 -20.91 22.68 -25.72
N VAL B 166 -21.03 23.76 -24.95
CA VAL B 166 -20.07 24.85 -24.97
C VAL B 166 -18.63 24.38 -24.74
N LEU B 167 -18.42 23.54 -23.73
CA LEU B 167 -17.09 23.00 -23.49
C LEU B 167 -16.67 22.14 -24.67
N ALA B 168 -17.61 21.39 -25.23
CA ALA B 168 -17.27 20.53 -26.38
C ALA B 168 -16.79 21.36 -27.56
N GLU B 169 -17.31 22.59 -27.68
CA GLU B 169 -16.93 23.47 -28.77
C GLU B 169 -15.51 24.03 -28.54
N MET B 170 -15.19 24.36 -27.30
CA MET B 170 -13.86 24.84 -26.98
C MET B 170 -12.83 23.73 -27.13
N GLN B 171 -13.22 22.51 -26.78
CA GLN B 171 -12.37 21.37 -27.11
C GLN B 171 -12.15 21.30 -28.63
N GLN B 172 -13.21 21.53 -29.41
CA GLN B 172 -13.12 21.53 -30.87
C GLN B 172 -12.13 22.59 -31.35
N GLN B 173 -12.25 23.80 -30.80
CA GLN B 173 -11.34 24.89 -31.12
C GLN B 173 -9.91 24.68 -30.61
N GLY B 174 -9.63 23.56 -29.96
CA GLY B 174 -8.29 23.25 -29.50
C GLY B 174 -7.86 23.90 -28.19
N LEU B 175 -8.75 24.62 -27.51
CA LEU B 175 -8.37 25.27 -26.24
C LEU B 175 -8.37 24.32 -25.05
N VAL B 176 -9.06 23.19 -25.19
CA VAL B 176 -9.24 22.23 -24.10
C VAL B 176 -8.95 20.84 -24.64
N LYS B 177 -7.96 20.15 -24.08
CA LYS B 177 -7.67 18.80 -24.56
C LYS B 177 -8.75 17.83 -24.11
N HIS B 178 -9.03 17.79 -22.81
CA HIS B 178 -9.99 16.82 -22.27
C HIS B 178 -11.04 17.47 -21.38
N ILE B 179 -12.20 16.84 -21.30
CA ILE B 179 -13.30 17.33 -20.49
C ILE B 179 -13.61 16.37 -19.34
N GLY B 180 -13.86 16.93 -18.16
CA GLY B 180 -14.35 16.17 -17.01
C GLY B 180 -15.57 16.80 -16.38
N LEU B 181 -16.14 16.10 -15.41
CA LEU B 181 -17.33 16.57 -14.68
C LEU B 181 -17.08 16.61 -13.17
N SER B 182 -17.67 17.59 -12.52
CA SER B 182 -17.54 17.73 -11.08
C SER B 182 -18.93 17.97 -10.47
N ASN B 183 -19.24 17.29 -9.36
CA ASN B 183 -20.56 17.37 -8.72
C ASN B 183 -21.75 16.93 -9.61
N VAL B 184 -21.67 15.71 -10.15
CA VAL B 184 -22.72 15.20 -11.04
C VAL B 184 -23.33 13.90 -10.54
N THR B 185 -24.57 13.64 -10.94
CA THR B 185 -25.27 12.38 -10.66
C THR B 185 -24.85 11.33 -11.69
N PRO B 186 -25.11 10.05 -11.40
CA PRO B 186 -24.83 9.03 -12.44
C PRO B 186 -25.56 9.32 -13.77
N THR B 187 -26.78 9.87 -13.72
CA THR B 187 -27.53 10.17 -14.95
C THR B 187 -26.87 11.26 -15.79
N GLN B 188 -26.40 12.31 -15.12
CA GLN B 188 -25.69 13.40 -15.77
C GLN B 188 -24.42 12.93 -16.46
N VAL B 189 -23.72 12.00 -15.83
CA VAL B 189 -22.50 11.44 -16.40
C VAL B 189 -22.82 10.74 -17.72
N ALA B 190 -23.91 9.97 -17.72
CA ALA B 190 -24.39 9.28 -18.91
C ALA B 190 -24.82 10.27 -19.99
N GLU B 191 -25.52 11.32 -19.58
CA GLU B 191 -25.94 12.33 -20.53
C GLU B 191 -24.70 12.96 -21.16
N ALA B 192 -23.75 13.30 -20.29
CA ALA B 192 -22.51 13.95 -20.71
C ALA B 192 -21.73 13.15 -21.75
N ARG B 193 -21.64 11.84 -21.55
CA ARG B 193 -20.78 11.02 -22.38
C ARG B 193 -21.31 10.78 -23.78
N LYS B 194 -22.53 11.25 -24.05
CA LYS B 194 -23.08 11.21 -25.40
C LYS B 194 -22.60 12.45 -26.19
N ILE B 195 -22.26 13.51 -25.46
CA ILE B 195 -21.91 14.80 -26.07
C ILE B 195 -20.39 14.93 -26.31
N ALA B 196 -19.60 14.39 -25.38
CA ALA B 196 -18.16 14.47 -25.48
C ALA B 196 -17.55 13.32 -24.67
N GLU B 197 -16.27 13.08 -24.83
CA GLU B 197 -15.65 12.05 -24.02
C GLU B 197 -15.40 12.61 -22.61
N ILE B 198 -15.63 11.80 -21.59
CA ILE B 198 -15.40 12.21 -20.20
C ILE B 198 -14.24 11.44 -19.54
N VAL B 199 -13.20 12.14 -19.07
CA VAL B 199 -12.01 11.45 -18.62
C VAL B 199 -11.95 11.33 -17.09
N CYS B 200 -12.77 12.11 -16.39
CA CYS B 200 -12.82 12.04 -14.94
C CYS B 200 -14.15 12.59 -14.38
N VAL B 201 -14.50 12.07 -13.21
CA VAL B 201 -15.60 12.60 -12.41
C VAL B 201 -15.10 12.99 -11.01
N GLN B 202 -15.39 14.22 -10.61
CA GLN B 202 -14.92 14.77 -9.34
C GLN B 202 -16.09 15.14 -8.44
N ASN B 203 -16.37 14.26 -7.48
CA ASN B 203 -17.56 14.30 -6.62
C ASN B 203 -17.22 14.25 -5.12
N GLU B 204 -18.21 14.57 -4.29
CA GLU B 204 -18.13 14.28 -2.86
C GLU B 204 -18.01 12.79 -2.67
N TYR B 205 -16.98 12.38 -1.93
CA TYR B 205 -16.75 10.99 -1.57
C TYR B 205 -15.61 10.83 -0.55
N ASN B 206 -15.86 10.00 0.45
CA ASN B 206 -14.81 9.56 1.38
C ASN B 206 -15.39 8.43 2.24
N ILE B 207 -14.65 8.03 3.27
CA ILE B 207 -15.04 6.89 4.10
C ILE B 207 -16.45 7.04 4.69
N ALA B 208 -16.80 8.25 5.08
CA ALA B 208 -18.10 8.55 5.64
C ALA B 208 -19.20 8.93 4.60
N HIS B 209 -18.83 9.14 3.33
CA HIS B 209 -19.82 9.52 2.31
C HIS B 209 -19.65 8.71 1.04
N ARG B 210 -20.31 7.57 0.98
CA ARG B 210 -20.01 6.60 -0.08
C ARG B 210 -21.17 6.36 -1.01
N ALA B 211 -22.09 7.31 -1.07
CA ALA B 211 -23.21 7.24 -2.02
C ALA B 211 -22.77 6.86 -3.44
N ASP B 212 -21.58 7.31 -3.87
CA ASP B 212 -21.09 7.14 -5.24
C ASP B 212 -20.41 5.78 -5.51
N ASP B 213 -20.45 4.87 -4.55
CA ASP B 213 -19.72 3.61 -4.64
C ASP B 213 -19.90 2.85 -5.94
N ALA B 214 -21.14 2.69 -6.39
CA ALA B 214 -21.41 1.96 -7.62
C ALA B 214 -20.84 2.68 -8.83
N MET B 215 -20.94 4.01 -8.84
CA MET B 215 -20.49 4.78 -9.99
C MET B 215 -18.97 4.67 -10.11
N ILE B 216 -18.27 4.69 -8.99
CA ILE B 216 -16.82 4.57 -8.99
C ILE B 216 -16.42 3.31 -9.72
N ASP B 217 -17.06 2.20 -9.38
CA ASP B 217 -16.74 0.90 -9.94
C ASP B 217 -17.14 0.82 -11.41
N ALA B 218 -18.26 1.45 -11.77
CA ALA B 218 -18.67 1.48 -13.16
C ALA B 218 -17.72 2.37 -13.96
N LEU B 219 -17.30 3.50 -13.39
CA LEU B 219 -16.33 4.38 -14.03
C LEU B 219 -15.00 3.66 -14.20
N ALA B 220 -14.66 2.83 -13.23
CA ALA B 220 -13.42 2.06 -13.26
C ALA B 220 -13.43 1.12 -14.45
N HIS B 221 -14.55 0.43 -14.63
CA HIS B 221 -14.71 -0.53 -15.70
C HIS B 221 -14.46 0.11 -17.07
N ASP B 222 -14.75 1.42 -17.19
CA ASP B 222 -14.55 2.14 -18.46
C ASP B 222 -13.31 3.04 -18.54
N GLY B 223 -12.40 2.92 -17.58
CA GLY B 223 -11.16 3.71 -17.60
C GLY B 223 -11.35 5.19 -17.30
N ILE B 224 -12.46 5.54 -16.68
CA ILE B 224 -12.73 6.93 -16.30
C ILE B 224 -12.31 7.19 -14.85
N ALA B 225 -11.47 8.19 -14.63
CA ALA B 225 -10.96 8.45 -13.28
C ALA B 225 -12.06 9.01 -12.39
N TYR B 226 -11.97 8.72 -11.09
CA TYR B 226 -12.85 9.29 -10.07
C TYR B 226 -12.03 10.03 -9.03
N VAL B 227 -12.47 11.24 -8.68
CA VAL B 227 -11.66 12.14 -7.89
C VAL B 227 -12.45 12.70 -6.70
N PRO B 228 -12.32 12.05 -5.54
CA PRO B 228 -12.96 12.50 -4.29
C PRO B 228 -12.61 13.94 -3.94
N PHE B 229 -13.62 14.78 -3.64
CA PHE B 229 -13.39 16.17 -3.26
C PHE B 229 -12.49 16.25 -2.03
N PHE B 230 -12.97 15.66 -0.95
CA PHE B 230 -12.43 15.86 0.39
C PHE B 230 -12.25 14.54 1.16
N PRO B 231 -11.00 14.08 1.30
CA PRO B 231 -10.74 12.81 2.01
C PRO B 231 -11.22 12.79 3.46
N LEU B 232 -11.28 13.95 4.14
CA LEU B 232 -11.63 13.94 5.57
C LEU B 232 -12.89 14.75 5.93
N GLY B 233 -13.70 15.14 4.96
CA GLY B 233 -14.79 16.02 5.28
C GLY B 233 -16.04 15.38 5.89
N GLY B 234 -16.61 16.06 6.88
CA GLY B 234 -17.94 15.73 7.36
C GLY B 234 -18.10 14.49 8.24
N PHE B 235 -17.06 14.15 8.99
CA PHE B 235 -17.12 13.06 9.96
C PHE B 235 -17.79 13.48 11.27
N THR B 236 -18.65 12.62 11.81
CA THR B 236 -19.23 12.87 13.12
C THR B 236 -18.19 12.53 14.20
N PRO B 237 -18.44 12.97 15.46
CA PRO B 237 -17.62 12.58 16.63
C PRO B 237 -17.16 11.14 16.60
N LEU B 238 -18.12 10.22 16.63
CA LEU B 238 -17.82 8.79 16.65
C LEU B 238 -17.04 8.39 15.40
N GLN B 239 -17.40 8.97 14.26
CA GLN B 239 -16.72 8.66 13.02
C GLN B 239 -15.25 9.08 13.11
N SER B 240 -15.01 10.28 13.63
CA SER B 240 -13.66 10.82 13.77
C SER B 240 -12.89 10.04 14.82
N SER B 241 -13.57 9.78 15.95
CA SER B 241 -12.95 9.03 17.03
C SER B 241 -12.48 7.67 16.50
N THR B 242 -13.35 6.97 15.80
CA THR B 242 -12.99 5.69 15.21
C THR B 242 -11.78 5.82 14.31
N LEU B 243 -11.79 6.84 13.45
CA LEU B 243 -10.71 7.05 12.51
C LEU B 243 -9.40 7.36 13.23
N SER B 244 -9.45 8.17 14.29
CA SER B 244 -8.28 8.45 15.12
C SER B 244 -7.73 7.18 15.76
N ASP B 245 -8.63 6.37 16.31
CA ASP B 245 -8.26 5.07 16.88
C ASP B 245 -7.40 4.31 15.86
N VAL B 246 -7.95 4.13 14.67
CA VAL B 246 -7.26 3.43 13.59
C VAL B 246 -5.89 4.08 13.27
N ALA B 247 -5.86 5.40 13.21
CA ALA B 247 -4.64 6.11 12.87
C ALA B 247 -3.57 5.91 13.95
N ALA B 248 -3.96 6.12 15.20
CA ALA B 248 -3.05 5.92 16.34
C ALA B 248 -2.49 4.52 16.29
N SER B 249 -3.37 3.54 16.14
CA SER B 249 -3.01 2.13 15.95
C SER B 249 -1.86 1.90 14.98
N LEU B 250 -1.90 2.61 13.85
CA LEU B 250 -0.94 2.36 12.80
C LEU B 250 0.26 3.31 12.83
N GLY B 251 0.31 4.18 13.84
CA GLY B 251 1.31 5.23 13.88
C GLY B 251 1.16 6.14 12.67
N ALA B 252 -0.09 6.34 12.26
CA ALA B 252 -0.34 7.22 11.13
C ALA B 252 -1.21 8.39 11.54
N THR B 253 -1.45 9.25 10.58
CA THR B 253 -2.37 10.36 10.72
C THR B 253 -3.76 10.00 10.15
N PRO B 254 -4.84 10.61 10.68
CA PRO B 254 -6.17 10.34 10.09
C PRO B 254 -6.21 10.65 8.59
N MET B 255 -5.58 11.73 8.15
CA MET B 255 -5.48 12.03 6.72
C MET B 255 -4.73 10.93 5.96
N GLN B 256 -3.59 10.48 6.48
CA GLN B 256 -2.90 9.38 5.81
C GLN B 256 -3.77 8.13 5.72
N VAL B 257 -4.53 7.83 6.78
CA VAL B 257 -5.43 6.70 6.73
C VAL B 257 -6.51 6.95 5.67
N ALA B 258 -7.07 8.16 5.67
CA ALA B 258 -8.11 8.50 4.69
C ALA B 258 -7.62 8.32 3.26
N LEU B 259 -6.39 8.77 3.00
CA LEU B 259 -5.79 8.69 1.68
C LEU B 259 -5.44 7.25 1.30
N ALA B 260 -4.84 6.51 2.24
CA ALA B 260 -4.52 5.11 2.00
C ALA B 260 -5.78 4.29 1.69
N TRP B 261 -6.87 4.64 2.36
CA TRP B 261 -8.12 3.93 2.12
C TRP B 261 -8.62 4.18 0.68
N LEU B 262 -8.58 5.44 0.29
CA LEU B 262 -9.03 5.83 -1.03
C LEU B 262 -8.22 5.13 -2.11
N LEU B 263 -6.92 4.95 -1.85
CA LEU B 263 -6.04 4.37 -2.85
C LEU B 263 -6.36 2.91 -3.08
N GLN B 264 -6.60 2.16 -1.99
CA GLN B 264 -6.94 0.73 -2.11
C GLN B 264 -8.39 0.50 -2.58
N ARG B 265 -9.25 1.51 -2.43
CA ARG B 265 -10.67 1.36 -2.75
C ARG B 265 -10.93 1.05 -4.23
N SER B 266 -10.24 1.74 -5.12
CA SER B 266 -10.43 1.54 -6.55
C SER B 266 -9.29 2.18 -7.34
N PRO B 267 -8.78 1.45 -8.34
CA PRO B 267 -7.57 1.88 -9.06
C PRO B 267 -7.76 3.13 -9.93
N ASN B 268 -9.01 3.54 -10.16
CA ASN B 268 -9.25 4.75 -10.95
C ASN B 268 -9.34 5.99 -10.07
N ILE B 269 -9.23 5.82 -8.75
CA ILE B 269 -9.35 6.96 -7.84
C ILE B 269 -8.07 7.81 -7.77
N LEU B 270 -8.23 9.09 -8.08
CA LEU B 270 -7.13 10.04 -8.02
C LEU B 270 -7.33 10.97 -6.84
N LEU B 271 -6.29 11.15 -6.04
CA LEU B 271 -6.38 12.00 -4.86
C LEU B 271 -5.79 13.37 -5.05
N ILE B 272 -6.51 14.35 -4.52
CA ILE B 272 -6.04 15.73 -4.56
C ILE B 272 -6.14 16.45 -3.21
N PRO B 273 -5.46 15.92 -2.17
CA PRO B 273 -5.50 16.60 -0.88
C PRO B 273 -4.90 17.99 -0.96
N GLY B 274 -5.53 18.95 -0.27
CA GLY B 274 -5.02 20.31 -0.21
C GLY B 274 -4.36 20.67 1.11
N THR B 275 -3.30 21.46 1.02
CA THR B 275 -2.69 22.07 2.19
C THR B 275 -1.74 23.22 1.81
N SER B 276 -1.59 24.14 2.75
CA SER B 276 -0.58 25.19 2.63
C SER B 276 0.49 24.96 3.69
N SER B 277 0.69 23.69 4.02
CA SER B 277 1.72 23.29 4.97
C SER B 277 2.64 22.27 4.31
N VAL B 278 3.94 22.53 4.35
CA VAL B 278 4.90 21.60 3.79
C VAL B 278 4.89 20.28 4.51
N ALA B 279 4.83 20.32 5.84
CA ALA B 279 4.80 19.10 6.64
C ALA B 279 3.60 18.24 6.26
N HIS B 280 2.45 18.88 6.10
CA HIS B 280 1.24 18.11 5.77
C HIS B 280 1.33 17.53 4.38
N LEU B 281 1.96 18.27 3.47
CA LEU B 281 2.26 17.77 2.13
C LEU B 281 3.10 16.48 2.18
N ARG B 282 4.22 16.51 2.89
CA ARG B 282 5.10 15.34 3.00
C ARG B 282 4.38 14.19 3.69
N GLU B 283 3.60 14.53 4.70
CA GLU B 283 2.73 13.57 5.36
C GLU B 283 1.72 12.92 4.39
N ASN B 284 1.08 13.72 3.53
CA ASN B 284 0.16 13.16 2.55
C ASN B 284 0.86 12.26 1.51
N MET B 285 1.99 12.70 1.00
CA MET B 285 2.72 11.92 0.00
C MET B 285 3.19 10.56 0.57
N ALA B 286 3.41 10.52 1.89
CA ALA B 286 3.81 9.30 2.60
C ALA B 286 2.66 8.30 2.75
N ALA B 287 1.44 8.71 2.43
CA ALA B 287 0.31 7.82 2.60
C ALA B 287 0.42 6.62 1.64
N GLU B 288 1.22 6.78 0.60
CA GLU B 288 1.55 5.71 -0.32
C GLU B 288 2.07 4.45 0.41
N LYS B 289 2.79 4.64 1.51
CA LYS B 289 3.48 3.54 2.20
C LYS B 289 2.59 2.79 3.19
N LEU B 290 1.45 3.37 3.55
CA LEU B 290 0.51 2.75 4.48
C LEU B 290 -0.14 1.51 3.91
N HIS B 291 -0.14 0.43 4.67
CA HIS B 291 -0.86 -0.78 4.28
C HIS B 291 -1.98 -0.99 5.26
N LEU B 292 -3.19 -1.08 4.73
CA LEU B 292 -4.37 -1.29 5.56
C LEU B 292 -4.75 -2.78 5.62
N SER B 293 -4.88 -3.27 6.85
CA SER B 293 -5.23 -4.66 7.12
C SER B 293 -6.71 -4.90 6.89
N GLU B 294 -7.07 -6.17 6.73
CA GLU B 294 -8.46 -6.58 6.61
C GLU B 294 -9.31 -6.07 7.78
N GLU B 295 -8.80 -6.17 9.01
CA GLU B 295 -9.60 -5.75 10.16
C GLU B 295 -9.75 -4.22 10.16
N VAL B 296 -8.70 -3.51 9.78
CA VAL B 296 -8.82 -2.07 9.64
C VAL B 296 -9.86 -1.68 8.58
N LEU B 297 -9.88 -2.41 7.47
CA LEU B 297 -10.84 -2.12 6.40
C LEU B 297 -12.28 -2.36 6.88
N SER B 298 -12.49 -3.42 7.66
CA SER B 298 -13.80 -3.68 8.26
C SER B 298 -14.21 -2.55 9.18
N THR B 299 -13.29 -2.10 10.02
CA THR B 299 -13.58 -0.99 10.91
C THR B 299 -13.95 0.29 10.12
N LEU B 300 -13.26 0.55 9.01
CA LEU B 300 -13.52 1.77 8.29
C LEU B 300 -14.87 1.65 7.59
N ASP B 301 -15.19 0.45 7.11
CA ASP B 301 -16.52 0.17 6.58
C ASP B 301 -17.62 0.50 7.56
N GLY B 302 -17.42 0.16 8.82
CA GLY B 302 -18.43 0.36 9.84
C GLY B 302 -18.67 1.83 10.12
N ILE B 303 -17.68 2.66 9.83
CA ILE B 303 -17.82 4.09 10.04
C ILE B 303 -19.03 4.64 9.27
N SER B 304 -19.30 4.09 8.10
CA SER B 304 -20.45 4.54 7.31
C SER B 304 -21.66 3.62 7.48
N ARG B 305 -21.39 2.35 7.80
CA ARG B 305 -22.39 1.28 7.73
C ARG B 305 -23.05 0.94 9.06
N GLU B 306 -22.28 0.91 10.15
CA GLU B 306 -22.88 0.73 11.47
C GLU B 306 -22.10 1.50 12.53
#